data_5QQM
#
_entry.id   5QQM
#
_cell.length_a   62.498
_cell.length_b   62.498
_cell.length_c   342.286
_cell.angle_alpha   90.000
_cell.angle_beta   90.000
_cell.angle_gamma   120.000
#
_symmetry.space_group_name_H-M   'P 65 2 2'
#
loop_
_entity.id
_entity.type
_entity.pdbx_description
1 polymer 'Ras-related C3 botulinum toxin substrate 1'
2 polymer Kalirin
3 non-polymer 1,2-ETHANEDIOL
4 non-polymer "N-(1-benzyl-1H-pyrazol-4-yl)-N'-(5-methyl-1,2-oxazol-3-yl)urea"
5 water water
#
loop_
_entity_poly.entity_id
_entity_poly.type
_entity_poly.pdbx_seq_one_letter_code
_entity_poly.pdbx_strand_id
1 'polypeptide(L)'
;SMQAIKCVVVGDGAVGKTCLLISYTTNAFPGEYIPTVFDNYSANVMVDGKPVNLGLWDTAGQEDYDRLRPLSYPQTDVFL
ICFSLVSPASFENVRAKWYPEVRHHCPNTPIILVGTKLDLRDDKDTIEKLKEKKLTPITYPQGLAMAKEIGAVKYLECSA
LTQRGLKTVFDEAIRAVL
;
A
2 'polypeptide(L)'
;SMRKKEFIMAELLQTEKAYVRDLHECLETYLWEMTSGVEEIPPGILNKEHIIFGNIQEIYDFHNNIFLKELEKYEQLPED
VGHCFVTWADKFQMYVTYCKNKPDSNQLILEHAGTFFDEIQQRHGLANSISSYLIKPVQRVTKYQLLLKELLTCCEEGKG
ELKDGLEVMLSVPKKANDAMHV
;
B
#
loop_
_chem_comp.id
_chem_comp.type
_chem_comp.name
_chem_comp.formula
EDO non-polymer 1,2-ETHANEDIOL 'C2 H6 O2'
N74 non-polymer N-(1-benzyl-1H-pyrazol-4-yl)-N'-(5-methyl-1,2-oxazol-3-yl)urea 'C15 H15 N5 O2'
#
# COMPACT_ATOMS: atom_id res chain seq x y z
N MET A 2 -20.42 -14.26 3.44
CA MET A 2 -19.01 -14.79 3.44
C MET A 2 -18.02 -13.79 4.07
N GLN A 3 -17.24 -14.25 5.05
CA GLN A 3 -16.42 -13.36 5.89
C GLN A 3 -15.32 -12.62 5.10
N ALA A 4 -15.26 -11.31 5.33
CA ALA A 4 -14.33 -10.38 4.70
C ALA A 4 -13.17 -10.10 5.65
N ILE A 5 -11.95 -10.09 5.12
CA ILE A 5 -10.76 -9.94 5.96
C ILE A 5 -9.83 -8.91 5.36
N LYS A 6 -9.65 -7.78 6.05
CA LYS A 6 -8.67 -6.83 5.68
C LYS A 6 -7.31 -7.22 6.33
N CYS A 7 -6.34 -7.54 5.49
CA CYS A 7 -4.90 -7.75 5.94
C CYS A 7 -3.94 -6.70 5.39
N VAL A 8 -3.38 -5.90 6.29
CA VAL A 8 -2.37 -4.91 5.97
C VAL A 8 -0.96 -5.50 6.17
N VAL A 9 -0.07 -5.25 5.18
CA VAL A 9 1.35 -5.65 5.20
C VAL A 9 2.23 -4.44 5.46
N VAL A 10 2.93 -4.48 6.59
CA VAL A 10 3.81 -3.42 7.04
C VAL A 10 5.24 -3.90 7.21
N GLY A 11 6.15 -2.96 7.39
CA GLY A 11 7.60 -3.28 7.50
C GLY A 11 8.47 -2.43 6.60
N ASP A 12 9.79 -2.50 6.82
CA ASP A 12 10.76 -1.74 6.05
C ASP A 12 10.75 -2.00 4.52
N GLY A 13 11.26 -1.04 3.76
CA GLY A 13 11.43 -1.23 2.29
C GLY A 13 12.23 -2.53 1.96
N ALA A 14 13.28 -2.85 2.73
CA ALA A 14 14.00 -4.12 2.56
C ALA A 14 13.24 -5.44 2.67
N VAL A 15 12.01 -5.47 3.21
CA VAL A 15 11.26 -6.73 3.23
C VAL A 15 10.86 -7.24 1.86
N GLY A 16 10.64 -6.32 0.91
CA GLY A 16 10.10 -6.72 -0.40
C GLY A 16 8.61 -6.94 -0.33
N LYS A 17 7.93 -6.02 0.34
CA LYS A 17 6.49 -6.19 0.59
C LYS A 17 5.74 -6.38 -0.68
N THR A 18 6.06 -5.50 -1.67
CA THR A 18 5.36 -5.57 -2.91
C THR A 18 5.58 -6.88 -3.60
N CYS A 19 6.84 -7.28 -3.64
CA CYS A 19 7.20 -8.55 -4.25
C CYS A 19 6.55 -9.77 -3.56
N LEU A 20 6.52 -9.75 -2.23
CA LEU A 20 5.76 -10.75 -1.45
C LEU A 20 4.34 -10.92 -1.94
N LEU A 21 3.64 -9.80 -2.04
CA LEU A 21 2.20 -9.86 -2.31
C LEU A 21 1.97 -10.27 -3.74
N ILE A 22 2.86 -9.86 -4.63
CA ILE A 22 2.71 -10.25 -6.04
C ILE A 22 3.00 -11.69 -6.21
N SER A 23 4.09 -12.13 -5.57
CA SER A 23 4.41 -13.58 -5.66
C SER A 23 3.32 -14.43 -5.07
N TYR A 24 2.81 -13.99 -3.93
CA TYR A 24 1.68 -14.72 -3.36
C TYR A 24 0.48 -14.78 -4.30
N THR A 25 0.05 -13.62 -4.83
CA THR A 25 -1.24 -13.60 -5.57
C THR A 25 -1.13 -14.17 -6.97
N THR A 26 0.02 -14.08 -7.58
CA THR A 26 0.14 -14.61 -8.94
C THR A 26 0.68 -16.05 -8.95
N ASN A 27 1.04 -16.60 -7.77
CA ASN A 27 1.70 -17.94 -7.63
C ASN A 27 3.12 -18.06 -8.24
N ALA A 28 3.85 -16.94 -8.28
CA ALA A 28 5.18 -16.93 -8.91
C ALA A 28 5.99 -15.70 -8.53
N PHE A 29 7.30 -15.85 -8.37
CA PHE A 29 8.20 -14.74 -8.19
C PHE A 29 8.10 -13.97 -9.52
N PRO A 30 8.06 -12.63 -9.46
CA PRO A 30 7.87 -11.91 -10.76
C PRO A 30 9.14 -11.85 -11.66
N GLY A 31 10.33 -12.01 -11.09
CA GLY A 31 11.56 -12.36 -11.81
C GLY A 31 12.08 -11.34 -12.80
N GLU A 32 11.50 -11.35 -14.00
CA GLU A 32 11.80 -10.34 -15.03
C GLU A 32 11.92 -8.94 -14.31
N TYR A 33 10.79 -8.43 -13.87
CA TYR A 33 10.73 -7.06 -13.44
C TYR A 33 9.93 -7.11 -12.18
N ILE A 34 10.39 -6.49 -11.12
CA ILE A 34 9.57 -6.46 -9.92
C ILE A 34 8.72 -5.18 -9.89
N PRO A 35 7.38 -5.31 -10.09
CA PRO A 35 6.49 -4.13 -10.09
C PRO A 35 6.57 -3.39 -8.78
N THR A 36 6.48 -2.05 -8.86
CA THR A 36 6.44 -1.29 -7.64
C THR A 36 5.00 -1.16 -7.11
N VAL A 37 3.99 -1.54 -7.89
CA VAL A 37 2.66 -1.24 -7.46
C VAL A 37 1.87 -2.51 -7.29
N PHE A 38 1.36 -2.72 -6.08
CA PHE A 38 0.35 -3.71 -5.83
C PHE A 38 -0.89 -2.99 -5.27
N ASP A 39 -1.96 -3.04 -6.05
CA ASP A 39 -3.21 -2.34 -5.68
C ASP A 39 -4.00 -3.27 -4.78
N ASN A 40 -4.75 -2.66 -3.87
CA ASN A 40 -5.61 -3.38 -2.90
C ASN A 40 -6.31 -4.45 -3.58
N TYR A 41 -6.27 -5.64 -2.99
CA TYR A 41 -6.58 -6.85 -3.73
C TYR A 41 -7.61 -7.66 -2.88
N SER A 42 -8.46 -8.44 -3.51
CA SER A 42 -9.23 -9.37 -2.70
C SER A 42 -9.51 -10.65 -3.47
N ALA A 43 -9.61 -11.75 -2.77
CA ALA A 43 -9.95 -13.01 -3.40
C ALA A 43 -10.55 -13.94 -2.38
N ASN A 44 -11.40 -14.84 -2.90
CA ASN A 44 -11.98 -15.93 -2.14
C ASN A 44 -10.96 -17.03 -2.03
N VAL A 45 -10.59 -17.37 -0.81
CA VAL A 45 -9.90 -18.64 -0.50
C VAL A 45 -10.72 -19.49 0.50
N MET A 46 -10.54 -20.82 0.45
CA MET A 46 -11.11 -21.72 1.50
C MET A 46 -9.96 -22.03 2.44
N VAL A 47 -10.20 -21.80 3.73
CA VAL A 47 -9.31 -22.20 4.79
C VAL A 47 -10.09 -23.08 5.77
N ASP A 48 -9.52 -24.26 6.06
CA ASP A 48 -10.10 -25.25 6.97
C ASP A 48 -11.56 -25.44 6.61
N GLY A 49 -11.80 -25.68 5.32
CA GLY A 49 -13.15 -25.79 4.74
C GLY A 49 -13.74 -24.43 4.38
N LYS A 50 -14.21 -23.75 5.43
CA LYS A 50 -14.90 -22.44 5.40
C LYS A 50 -14.29 -21.41 4.44
N PRO A 51 -14.95 -21.14 3.28
CA PRO A 51 -14.46 -20.06 2.40
C PRO A 51 -14.45 -18.64 3.02
N VAL A 52 -13.51 -17.82 2.55
CA VAL A 52 -13.20 -16.49 3.12
C VAL A 52 -12.79 -15.49 2.00
N ASN A 53 -13.10 -14.21 2.18
CA ASN A 53 -12.66 -13.18 1.26
C ASN A 53 -11.51 -12.43 1.85
N LEU A 54 -10.35 -12.61 1.24
CA LEU A 54 -9.08 -12.11 1.81
C LEU A 54 -8.74 -10.83 1.10
N GLY A 55 -8.66 -9.73 1.85
CA GLY A 55 -8.22 -8.42 1.35
C GLY A 55 -6.79 -8.13 1.76
N LEU A 56 -5.96 -7.75 0.80
CA LEU A 56 -4.52 -7.44 1.00
C LEU A 56 -4.24 -6.01 0.58
N TRP A 57 -3.73 -5.23 1.51
CA TRP A 57 -3.24 -3.93 1.20
C TRP A 57 -1.70 -3.85 1.44
N ASP A 58 -1.00 -3.30 0.44
CA ASP A 58 0.40 -2.95 0.49
C ASP A 58 0.53 -1.59 1.12
N THR A 59 1.71 -1.30 1.63
CA THR A 59 2.04 0.00 2.19
C THR A 59 3.35 0.54 1.65
N ALA A 60 3.92 -0.11 0.64
CA ALA A 60 5.21 0.35 0.11
C ALA A 60 5.07 1.78 -0.38
N GLY A 61 6.09 2.60 -0.14
CA GLY A 61 6.04 4.04 -0.47
C GLY A 61 5.80 4.87 0.74
N GLN A 62 5.25 4.28 1.80
CA GLN A 62 4.85 5.10 2.97
C GLN A 62 5.83 5.03 4.13
N GLU A 63 6.94 4.36 3.90
CA GLU A 63 7.95 4.09 4.90
C GLU A 63 8.47 5.38 5.52
N ASP A 64 8.47 6.51 4.80
CA ASP A 64 8.90 7.76 5.46
C ASP A 64 7.82 8.72 5.98
N TYR A 65 6.57 8.31 5.97
CA TYR A 65 5.49 9.23 6.25
C TYR A 65 4.73 8.71 7.47
N ASP A 66 5.27 9.05 8.62
CA ASP A 66 4.79 8.51 9.89
C ASP A 66 3.31 8.77 10.17
N ARG A 67 2.78 9.92 9.73
CA ARG A 67 1.33 10.26 9.84
C ARG A 67 0.38 9.78 8.76
N LEU A 68 0.92 9.39 7.59
CA LEU A 68 0.08 8.82 6.55
C LEU A 68 -0.08 7.33 6.73
N ARG A 69 0.93 6.66 7.26
CA ARG A 69 0.84 5.19 7.40
C ARG A 69 -0.40 4.72 8.15
N PRO A 70 -0.76 5.39 9.27
CA PRO A 70 -1.89 4.96 10.05
C PRO A 70 -3.26 5.22 9.40
N LEU A 71 -3.33 6.01 8.32
CA LEU A 71 -4.55 6.10 7.53
C LEU A 71 -5.03 4.74 7.06
N SER A 72 -4.11 3.82 6.82
CA SER A 72 -4.53 2.43 6.44
C SER A 72 -4.88 1.48 7.65
N TYR A 73 -4.58 1.88 8.87
CA TYR A 73 -4.69 0.93 9.97
C TYR A 73 -6.13 0.62 10.45
N PRO A 74 -7.01 1.63 10.54
CA PRO A 74 -8.32 1.31 11.17
C PRO A 74 -9.09 0.20 10.47
N GLN A 75 -9.73 -0.63 11.29
CA GLN A 75 -10.54 -1.76 10.84
C GLN A 75 -9.81 -2.88 10.11
N THR A 76 -8.51 -2.95 10.30
CA THR A 76 -7.74 -4.07 9.85
C THR A 76 -8.07 -5.26 10.75
N ASP A 77 -8.29 -6.42 10.15
CA ASP A 77 -8.47 -7.69 10.90
C ASP A 77 -7.18 -8.41 11.34
N VAL A 78 -6.13 -8.27 10.54
CA VAL A 78 -4.83 -8.87 10.88
C VAL A 78 -3.70 -8.15 10.15
N PHE A 79 -2.64 -7.87 10.88
CA PHE A 79 -1.43 -7.35 10.31
C PHE A 79 -0.38 -8.40 10.07
N LEU A 80 0.31 -8.32 8.92
CA LEU A 80 1.63 -8.94 8.76
C LEU A 80 2.65 -7.87 9.03
N ILE A 81 3.41 -8.01 10.13
CA ILE A 81 4.59 -7.23 10.38
C ILE A 81 5.79 -8.00 9.84
N CYS A 82 6.39 -7.41 8.79
CA CYS A 82 7.46 -8.07 8.10
C CYS A 82 8.85 -7.50 8.36
N PHE A 83 9.85 -8.37 8.24
CA PHE A 83 11.28 -7.93 8.18
C PHE A 83 11.94 -8.91 7.23
N SER A 84 13.11 -8.54 6.76
CA SER A 84 13.83 -9.42 5.83
C SER A 84 14.85 -10.16 6.71
N LEU A 85 14.96 -11.46 6.49
CA LEU A 85 15.90 -12.34 7.23
C LEU A 85 17.38 -11.99 7.05
N VAL A 86 17.67 -11.32 5.93
CA VAL A 86 19.01 -10.84 5.65
C VAL A 86 19.15 -9.31 5.82
N SER A 87 18.26 -8.68 6.60
CA SER A 87 18.48 -7.31 7.07
C SER A 87 18.23 -7.20 8.58
N PRO A 88 19.31 -7.20 9.35
CA PRO A 88 19.22 -6.95 10.76
C PRO A 88 18.52 -5.65 11.10
N ALA A 89 18.79 -4.58 10.35
CA ALA A 89 18.11 -3.29 10.60
C ALA A 89 16.56 -3.37 10.46
N SER A 90 16.06 -4.09 9.45
CA SER A 90 14.61 -4.28 9.27
C SER A 90 14.03 -5.06 10.46
N PHE A 91 14.79 -6.05 10.94
CA PHE A 91 14.33 -6.88 12.08
C PHE A 91 14.25 -6.02 13.31
N GLU A 92 15.26 -5.24 13.59
CA GLU A 92 15.16 -4.34 14.73
C GLU A 92 14.04 -3.29 14.61
N ASN A 93 13.73 -2.87 13.38
CA ASN A 93 12.66 -1.90 13.20
C ASN A 93 11.26 -2.45 13.55
N VAL A 94 11.13 -3.78 13.58
CA VAL A 94 9.91 -4.39 14.04
C VAL A 94 9.58 -3.86 15.42
N ARG A 95 10.63 -3.80 16.22
CA ARG A 95 10.57 -3.42 17.57
C ARG A 95 10.55 -1.89 17.67
N ALA A 96 11.40 -1.21 16.93
CA ALA A 96 11.54 0.21 17.08
C ALA A 96 10.44 1.03 16.43
N LYS A 97 9.80 0.48 15.39
CA LYS A 97 8.95 1.29 14.49
C LYS A 97 7.60 0.66 14.29
N TRP A 98 7.55 -0.59 13.79
CA TRP A 98 6.32 -1.20 13.34
C TRP A 98 5.34 -1.59 14.42
N TYR A 99 5.84 -2.35 15.39
CA TYR A 99 4.98 -2.80 16.46
C TYR A 99 4.38 -1.60 17.24
N PRO A 100 5.18 -0.59 17.61
CA PRO A 100 4.58 0.48 18.41
C PRO A 100 3.42 1.18 17.73
N GLU A 101 3.57 1.56 16.45
CA GLU A 101 2.48 2.24 15.75
C GLU A 101 1.32 1.32 15.52
N VAL A 102 1.55 0.06 15.17
CA VAL A 102 0.42 -0.82 14.94
C VAL A 102 -0.34 -1.03 16.27
N ARG A 103 0.38 -1.11 17.38
CA ARG A 103 -0.29 -1.30 18.65
C ARG A 103 -1.03 -0.07 19.05
N HIS A 104 -0.38 1.05 18.87
CA HIS A 104 -0.97 2.30 19.24
C HIS A 104 -2.33 2.48 18.58
N HIS A 105 -2.47 2.10 17.30
CA HIS A 105 -3.70 2.33 16.54
C HIS A 105 -4.60 1.14 16.61
N CYS A 106 -4.07 -0.06 16.69
CA CYS A 106 -4.92 -1.20 16.68
C CYS A 106 -4.59 -2.14 17.83
N PRO A 107 -4.93 -1.73 19.05
CA PRO A 107 -4.44 -2.52 20.20
C PRO A 107 -4.85 -4.00 20.25
N ASN A 108 -5.98 -4.37 19.70
CA ASN A 108 -6.43 -5.77 19.82
C ASN A 108 -6.47 -6.52 18.51
N THR A 109 -5.57 -6.20 17.59
CA THR A 109 -5.59 -6.84 16.28
C THR A 109 -4.44 -7.80 16.22
N PRO A 110 -4.71 -9.01 15.80
CA PRO A 110 -3.64 -9.98 15.71
C PRO A 110 -2.53 -9.61 14.68
N ILE A 111 -1.31 -9.99 15.04
CA ILE A 111 -0.09 -9.76 14.28
C ILE A 111 0.52 -11.10 13.96
N ILE A 112 0.82 -11.33 12.69
CA ILE A 112 1.75 -12.37 12.31
C ILE A 112 3.11 -11.76 12.01
N LEU A 113 4.18 -12.35 12.57
CA LEU A 113 5.56 -11.84 12.35
C LEU A 113 6.10 -12.67 11.22
N VAL A 114 6.48 -12.01 10.12
CA VAL A 114 6.97 -12.70 8.92
C VAL A 114 8.43 -12.30 8.63
N GLY A 115 9.33 -13.27 8.47
CA GLY A 115 10.74 -13.00 8.03
C GLY A 115 10.71 -13.36 6.55
N THR A 116 11.07 -12.42 5.66
CA THR A 116 11.06 -12.67 4.19
C THR A 116 12.49 -12.90 3.79
N LYS A 117 12.67 -13.31 2.53
CA LYS A 117 13.97 -13.53 1.94
C LYS A 117 14.72 -14.74 2.50
N LEU A 118 13.92 -15.74 2.86
CA LEU A 118 14.46 -16.98 3.47
C LEU A 118 15.54 -17.57 2.58
N ASP A 119 15.32 -17.54 1.28
CA ASP A 119 16.30 -18.01 0.29
C ASP A 119 17.65 -17.30 0.32
N LEU A 120 17.73 -16.08 0.81
CA LEU A 120 19.01 -15.38 0.97
C LEU A 120 19.79 -15.71 2.27
N ARG A 121 19.13 -16.31 3.25
CA ARG A 121 19.81 -16.56 4.52
C ARG A 121 21.04 -17.49 4.40
N ASP A 122 21.00 -18.41 3.43
CA ASP A 122 22.12 -19.33 3.13
C ASP A 122 22.90 -18.97 1.87
N ASP A 123 22.89 -17.71 1.44
CA ASP A 123 23.48 -17.35 0.15
C ASP A 123 24.81 -16.72 0.44
N LYS A 124 25.91 -17.30 -0.11
CA LYS A 124 27.30 -16.88 0.25
C LYS A 124 27.56 -15.36 0.15
N ASP A 125 27.21 -14.81 -1.00
CA ASP A 125 27.39 -13.38 -1.25
C ASP A 125 26.65 -12.52 -0.23
N THR A 126 25.39 -12.88 0.04
CA THR A 126 24.59 -12.15 1.03
C THR A 126 25.26 -12.25 2.42
N ILE A 127 25.66 -13.46 2.77
CA ILE A 127 26.32 -13.71 4.07
C ILE A 127 27.60 -12.89 4.18
N GLU A 128 28.43 -12.96 3.13
CA GLU A 128 29.69 -12.19 3.10
C GLU A 128 29.44 -10.69 3.17
N LYS A 129 28.45 -10.20 2.41
CA LYS A 129 28.15 -8.78 2.44
C LYS A 129 27.78 -8.37 3.87
N LEU A 130 27.03 -9.23 4.57
CA LEU A 130 26.72 -8.97 5.98
C LEU A 130 27.97 -9.03 6.90
N LYS A 131 28.83 -10.03 6.68
CA LYS A 131 30.04 -10.21 7.51
C LYS A 131 30.90 -8.96 7.48
N GLU A 132 31.04 -8.35 6.30
CA GLU A 132 31.76 -7.09 6.11
C GLU A 132 31.19 -5.95 6.95
N LYS A 133 29.92 -6.00 7.32
CA LYS A 133 29.32 -5.02 8.26
C LYS A 133 29.29 -5.49 9.74
N LYS A 134 29.95 -6.60 10.07
CA LYS A 134 29.95 -7.18 11.41
C LYS A 134 28.51 -7.61 11.82
N LEU A 135 27.85 -8.32 10.91
CA LEU A 135 26.45 -8.76 11.08
C LEU A 135 26.26 -10.17 10.52
N THR A 136 25.11 -10.77 10.81
CA THR A 136 24.73 -12.08 10.27
C THR A 136 23.23 -12.01 9.97
N PRO A 137 22.73 -12.95 9.18
CA PRO A 137 21.31 -13.09 9.01
C PRO A 137 20.62 -13.38 10.31
N ILE A 138 19.30 -13.21 10.27
CA ILE A 138 18.44 -13.34 11.42
C ILE A 138 18.03 -14.79 11.38
N THR A 139 18.23 -15.47 12.51
CA THR A 139 17.88 -16.91 12.63
C THR A 139 16.58 -17.09 13.37
N TYR A 140 16.05 -18.28 13.20
CA TYR A 140 14.80 -18.72 13.66
C TYR A 140 14.48 -18.36 15.12
N PRO A 141 15.35 -18.75 16.08
CA PRO A 141 15.06 -18.35 17.47
C PRO A 141 15.00 -16.87 17.69
N GLN A 142 15.73 -16.06 16.90
CA GLN A 142 15.63 -14.58 17.02
C GLN A 142 14.18 -14.09 16.65
N GLY A 143 13.60 -14.71 15.59
CA GLY A 143 12.23 -14.49 15.19
C GLY A 143 11.20 -14.87 16.24
N LEU A 144 11.32 -16.08 16.78
CA LEU A 144 10.49 -16.50 17.89
C LEU A 144 10.56 -15.56 19.06
N ALA A 145 11.75 -15.14 19.45
CA ALA A 145 11.82 -14.27 20.59
C ALA A 145 11.13 -12.91 20.30
N MET A 146 11.34 -12.37 19.09
CA MET A 146 10.74 -11.08 18.73
C MET A 146 9.21 -11.22 18.69
N ALA A 147 8.75 -12.35 18.15
CA ALA A 147 7.33 -12.69 18.11
C ALA A 147 6.72 -12.66 19.51
N LYS A 148 7.32 -13.35 20.48
CA LYS A 148 6.87 -13.23 21.88
C LYS A 148 6.90 -11.81 22.33
N GLU A 149 7.99 -11.12 22.11
CA GLU A 149 8.04 -9.78 22.64
C GLU A 149 6.88 -8.88 22.16
N ILE A 150 6.38 -9.08 20.92
CA ILE A 150 5.37 -8.16 20.35
C ILE A 150 3.95 -8.68 20.51
N GLY A 151 3.77 -9.92 20.96
CA GLY A 151 2.46 -10.53 21.07
C GLY A 151 1.99 -11.18 19.79
N ALA A 152 2.92 -11.62 18.94
CA ALA A 152 2.54 -12.10 17.64
C ALA A 152 2.00 -13.45 17.82
N VAL A 153 0.96 -13.78 17.08
CA VAL A 153 0.35 -15.06 17.27
C VAL A 153 1.16 -16.14 16.62
N LYS A 154 1.95 -15.79 15.61
CA LYS A 154 2.80 -16.75 14.90
C LYS A 154 4.04 -16.04 14.41
N TYR A 155 5.16 -16.75 14.34
CA TYR A 155 6.36 -16.24 13.62
C TYR A 155 6.50 -17.20 12.46
N LEU A 156 6.59 -16.64 11.25
CA LEU A 156 6.73 -17.48 10.03
C LEU A 156 7.84 -16.95 9.12
N GLU A 157 8.48 -17.83 8.40
CA GLU A 157 9.55 -17.50 7.51
C GLU A 157 9.12 -17.90 6.11
N CYS A 158 9.37 -17.02 5.12
CA CYS A 158 9.03 -17.37 3.73
C CYS A 158 10.02 -16.77 2.72
N SER A 159 9.97 -17.33 1.53
CA SER A 159 10.58 -16.78 0.34
C SER A 159 9.51 -16.56 -0.73
N ALA A 160 9.43 -15.32 -1.22
CA ALA A 160 8.69 -15.01 -2.47
C ALA A 160 9.34 -15.72 -3.69
N LEU A 161 10.67 -15.87 -3.66
CA LEU A 161 11.43 -16.46 -4.76
C LEU A 161 11.18 -17.97 -4.98
N THR A 162 11.35 -18.73 -3.92
CA THR A 162 11.11 -20.18 -3.97
C THR A 162 9.66 -20.61 -3.65
N GLN A 163 8.82 -19.70 -3.17
CA GLN A 163 7.45 -19.99 -2.64
C GLN A 163 7.45 -20.66 -1.26
N ARG A 164 8.62 -20.87 -0.69
CA ARG A 164 8.69 -21.67 0.52
C ARG A 164 8.08 -20.88 1.66
N GLY A 165 7.10 -21.50 2.33
CA GLY A 165 6.38 -20.91 3.49
C GLY A 165 5.43 -19.74 3.13
N LEU A 166 5.25 -19.47 1.84
CA LEU A 166 4.63 -18.23 1.44
C LEU A 166 3.11 -18.37 1.57
N LYS A 167 2.54 -19.45 1.04
CA LYS A 167 1.09 -19.72 1.12
C LYS A 167 0.65 -19.87 2.54
N THR A 168 1.55 -20.43 3.37
CA THR A 168 1.33 -20.60 4.82
C THR A 168 1.15 -19.29 5.53
N VAL A 169 2.00 -18.32 5.26
CA VAL A 169 1.83 -16.96 5.83
C VAL A 169 0.38 -16.47 5.81
N PHE A 170 -0.25 -16.63 4.65
CA PHE A 170 -1.57 -16.05 4.37
C PHE A 170 -2.70 -16.96 4.93
N ASP A 171 -2.53 -18.25 4.86
CA ASP A 171 -3.37 -19.18 5.62
C ASP A 171 -3.42 -18.82 7.08
N GLU A 172 -2.26 -18.62 7.65
CA GLU A 172 -2.19 -18.33 9.05
C GLU A 172 -2.77 -16.96 9.39
N ALA A 173 -2.64 -15.98 8.48
CA ALA A 173 -3.26 -14.65 8.71
C ALA A 173 -4.79 -14.81 8.90
N ILE A 174 -5.37 -15.65 8.08
CA ILE A 174 -6.77 -15.91 8.07
C ILE A 174 -7.16 -16.70 9.33
N ARG A 175 -6.41 -17.76 9.65
CA ARG A 175 -6.64 -18.49 10.89
C ARG A 175 -6.57 -17.58 12.09
N ALA A 176 -5.70 -16.60 12.08
CA ALA A 176 -5.63 -15.71 13.24
C ALA A 176 -6.86 -14.84 13.39
N VAL A 177 -7.74 -14.83 12.37
CA VAL A 177 -8.98 -14.05 12.43
C VAL A 177 -10.19 -14.96 12.72
N LEU A 178 -10.21 -16.21 12.24
CA LEU A 178 -11.38 -17.09 12.33
C LEU A 178 -11.65 -17.62 13.75
N ARG B 3 15.64 -1.39 -21.41
CA ARG B 3 14.52 -2.33 -21.13
C ARG B 3 13.91 -2.11 -19.72
N LYS B 4 14.73 -1.87 -18.70
CA LYS B 4 14.17 -1.66 -17.37
C LYS B 4 13.42 -0.33 -17.31
N LYS B 5 13.97 0.74 -17.87
CA LYS B 5 13.26 2.02 -17.90
C LYS B 5 11.94 1.89 -18.65
N GLU B 6 11.88 1.02 -19.64
CA GLU B 6 10.63 0.81 -20.31
C GLU B 6 9.58 0.10 -19.47
N PHE B 7 9.95 -0.89 -18.65
CA PHE B 7 9.00 -1.63 -17.84
C PHE B 7 8.50 -0.62 -16.81
N ILE B 8 9.39 0.21 -16.27
CA ILE B 8 8.93 1.16 -15.23
C ILE B 8 7.91 2.16 -15.82
N MET B 9 8.20 2.67 -17.03
CA MET B 9 7.28 3.60 -17.67
C MET B 9 5.97 2.93 -17.98
N ALA B 10 6.00 1.70 -18.48
CA ALA B 10 4.81 1.00 -18.75
C ALA B 10 3.95 0.87 -17.47
N GLU B 11 4.61 0.58 -16.35
CA GLU B 11 3.91 0.41 -15.10
C GLU B 11 3.33 1.76 -14.68
N LEU B 12 4.14 2.79 -14.75
CA LEU B 12 3.63 4.16 -14.44
C LEU B 12 2.32 4.48 -15.13
N LEU B 13 2.30 4.24 -16.43
CA LEU B 13 1.13 4.40 -17.24
C LEU B 13 -0.01 3.43 -16.94
N GLN B 14 0.26 2.12 -16.84
CA GLN B 14 -0.80 1.16 -16.56
C GLN B 14 -1.40 1.47 -15.22
N THR B 15 -0.58 1.81 -14.27
CA THR B 15 -1.18 2.11 -12.95
C THR B 15 -1.89 3.46 -12.86
N GLU B 16 -1.51 4.40 -13.73
CA GLU B 16 -2.17 5.68 -13.77
C GLU B 16 -3.53 5.44 -14.30
N LYS B 17 -3.66 4.58 -15.33
CA LYS B 17 -4.93 4.31 -15.87
C LYS B 17 -5.87 3.66 -14.90
N ALA B 18 -5.31 2.74 -14.13
CA ALA B 18 -6.09 2.04 -13.12
C ALA B 18 -6.48 3.00 -12.00
N TYR B 19 -5.58 3.90 -11.64
CA TYR B 19 -5.95 4.90 -10.61
C TYR B 19 -7.13 5.78 -11.11
N VAL B 20 -7.12 6.15 -12.38
CA VAL B 20 -8.16 6.96 -12.93
C VAL B 20 -9.47 6.15 -12.94
N ARG B 21 -9.43 4.94 -13.48
CA ARG B 21 -10.57 4.06 -13.37
C ARG B 21 -11.08 3.86 -11.94
N ASP B 22 -10.19 3.63 -10.97
CA ASP B 22 -10.60 3.47 -9.58
C ASP B 22 -11.31 4.73 -9.03
N LEU B 23 -10.76 5.92 -9.25
CA LEU B 23 -11.44 7.11 -8.73
C LEU B 23 -12.80 7.32 -9.40
N HIS B 24 -12.87 7.00 -10.70
CA HIS B 24 -14.09 7.14 -11.45
C HIS B 24 -15.17 6.24 -10.90
N GLU B 25 -14.80 5.03 -10.53
CA GLU B 25 -15.76 4.06 -9.92
C GLU B 25 -16.22 4.55 -8.55
N CYS B 26 -15.29 4.96 -7.73
CA CYS B 26 -15.63 5.52 -6.47
C CYS B 26 -16.68 6.68 -6.63
N LEU B 27 -16.44 7.60 -7.54
CA LEU B 27 -17.31 8.78 -7.68
C LEU B 27 -18.67 8.34 -8.20
N GLU B 28 -18.68 7.44 -9.17
CA GLU B 28 -19.93 7.04 -9.82
C GLU B 28 -20.73 5.93 -9.17
N THR B 29 -20.23 5.36 -8.07
CA THR B 29 -21.01 4.41 -7.35
C THR B 29 -21.20 4.98 -5.96
N TYR B 30 -20.18 4.95 -5.13
CA TYR B 30 -20.39 5.39 -3.77
C TYR B 30 -20.83 6.84 -3.63
N LEU B 31 -20.24 7.78 -4.39
CA LEU B 31 -20.61 9.20 -4.25
C LEU B 31 -21.97 9.45 -4.91
N TRP B 32 -22.19 8.82 -6.05
CA TRP B 32 -23.38 9.10 -6.81
C TRP B 32 -24.64 8.65 -6.03
N GLU B 33 -24.56 7.58 -5.26
CA GLU B 33 -25.66 7.14 -4.45
C GLU B 33 -26.02 8.16 -3.38
N MET B 34 -25.03 8.90 -2.85
CA MET B 34 -25.33 9.99 -1.92
C MET B 34 -25.99 11.21 -2.55
N THR B 35 -25.58 11.57 -3.75
CA THR B 35 -25.98 12.86 -4.29
C THR B 35 -27.15 12.76 -5.22
N SER B 36 -27.35 11.57 -5.73
CA SER B 36 -28.32 11.26 -6.70
C SER B 36 -29.68 11.77 -6.25
N GLY B 37 -30.08 11.28 -5.07
CA GLY B 37 -31.47 11.24 -4.64
C GLY B 37 -32.20 9.96 -5.10
N VAL B 38 -31.47 8.85 -5.27
CA VAL B 38 -32.11 7.56 -5.61
C VAL B 38 -32.40 6.71 -4.34
N GLU B 39 -31.85 7.10 -3.18
CA GLU B 39 -31.77 6.20 -2.01
C GLU B 39 -31.81 6.94 -0.66
N GLU B 40 -32.19 6.22 0.40
CA GLU B 40 -32.28 6.77 1.75
C GLU B 40 -30.92 6.89 2.47
N ILE B 41 -30.53 8.11 2.78
CA ILE B 41 -29.21 8.41 3.32
C ILE B 41 -29.26 8.60 4.85
N PRO B 42 -28.48 7.81 5.61
CA PRO B 42 -28.50 8.01 7.05
C PRO B 42 -28.35 9.45 7.49
N PRO B 43 -29.16 9.88 8.45
CA PRO B 43 -28.97 11.25 8.94
C PRO B 43 -27.58 11.54 9.48
N GLY B 44 -26.89 10.52 10.00
CA GLY B 44 -25.50 10.61 10.40
C GLY B 44 -24.52 11.22 9.38
N ILE B 45 -24.78 10.94 8.10
CA ILE B 45 -23.91 11.39 6.97
C ILE B 45 -24.52 12.36 5.96
N LEU B 46 -25.80 12.69 6.16
CA LEU B 46 -26.58 13.43 5.18
C LEU B 46 -25.90 14.75 4.96
N ASN B 47 -25.76 15.11 3.70
CA ASN B 47 -25.06 16.32 3.29
C ASN B 47 -23.64 16.39 3.81
N LYS B 48 -23.04 15.24 4.16
CA LYS B 48 -21.66 15.23 4.64
C LYS B 48 -20.68 14.54 3.64
N GLU B 49 -21.03 14.55 2.35
CA GLU B 49 -20.19 13.98 1.30
C GLU B 49 -18.87 14.70 1.15
N HIS B 50 -18.85 16.00 1.37
CA HIS B 50 -17.60 16.74 1.43
C HIS B 50 -16.59 16.23 2.48
N ILE B 51 -17.10 15.74 3.61
CA ILE B 51 -16.22 15.18 4.62
C ILE B 51 -15.80 13.77 4.22
N ILE B 52 -16.74 12.97 3.72
CA ILE B 52 -16.47 11.60 3.31
C ILE B 52 -15.44 11.48 2.17
N PHE B 53 -15.65 12.24 1.10
CA PHE B 53 -14.89 12.09 -0.10
C PHE B 53 -13.79 13.11 -0.23
N GLY B 54 -13.68 14.03 0.73
CA GLY B 54 -12.74 15.13 0.66
C GLY B 54 -12.78 15.82 -0.71
N ASN B 55 -11.62 16.19 -1.24
CA ASN B 55 -11.53 16.77 -2.59
C ASN B 55 -11.21 15.77 -3.66
N ILE B 56 -11.71 14.54 -3.52
CA ILE B 56 -11.35 13.49 -4.49
C ILE B 56 -11.86 13.72 -5.87
N GLN B 57 -12.98 14.41 -5.99
CA GLN B 57 -13.45 14.87 -7.30
C GLN B 57 -12.38 15.65 -8.00
N GLU B 58 -11.76 16.59 -7.31
CA GLU B 58 -10.82 17.50 -7.89
C GLU B 58 -9.49 16.75 -8.24
N ILE B 59 -9.11 15.85 -7.35
CA ILE B 59 -8.02 14.92 -7.64
C ILE B 59 -8.28 14.14 -8.89
N TYR B 60 -9.46 13.54 -9.03
CA TYR B 60 -9.82 12.80 -10.23
C TYR B 60 -9.81 13.68 -11.51
N ASP B 61 -10.29 14.91 -11.41
CA ASP B 61 -10.38 15.75 -12.61
C ASP B 61 -8.98 16.04 -13.13
N PHE B 62 -8.06 16.28 -12.21
CA PHE B 62 -6.65 16.46 -12.52
C PHE B 62 -6.04 15.29 -13.30
N HIS B 63 -6.17 14.10 -12.74
CA HIS B 63 -5.67 12.93 -13.44
C HIS B 63 -6.37 12.63 -14.71
N ASN B 64 -7.69 12.77 -14.72
CA ASN B 64 -8.45 12.31 -15.83
C ASN B 64 -8.41 13.36 -16.93
N ASN B 65 -8.35 14.65 -16.58
CA ASN B 65 -8.34 15.75 -17.61
C ASN B 65 -6.92 16.05 -18.12
N ILE B 66 -5.96 16.05 -17.21
CA ILE B 66 -4.60 16.47 -17.47
C ILE B 66 -3.52 15.38 -17.32
N PHE B 67 -3.36 14.86 -16.10
CA PHE B 67 -2.10 14.20 -15.79
C PHE B 67 -1.86 12.93 -16.60
N LEU B 68 -2.90 12.13 -16.83
CA LEU B 68 -2.71 10.87 -17.56
C LEU B 68 -2.38 11.20 -19.02
N LYS B 69 -3.01 12.22 -19.60
CA LYS B 69 -2.71 12.58 -21.02
C LYS B 69 -1.27 13.08 -21.12
N GLU B 70 -0.80 13.83 -20.15
CA GLU B 70 0.61 14.25 -20.19
C GLU B 70 1.61 13.12 -19.93
N LEU B 71 1.33 12.23 -18.96
CA LEU B 71 2.17 11.07 -18.78
C LEU B 71 2.23 10.26 -20.10
N GLU B 72 1.15 10.09 -20.78
CA GLU B 72 1.18 9.35 -22.05
C GLU B 72 2.13 9.95 -23.05
N LYS B 73 2.30 11.26 -22.96
CA LYS B 73 3.14 11.96 -23.95
C LYS B 73 4.62 11.70 -23.70
N TYR B 74 4.97 11.50 -22.45
CA TYR B 74 6.29 11.04 -22.05
C TYR B 74 6.52 9.52 -22.22
N GLU B 75 5.66 8.77 -22.91
CA GLU B 75 5.84 7.31 -22.92
C GLU B 75 7.20 6.88 -23.51
N GLN B 76 7.63 7.52 -24.60
CA GLN B 76 8.94 7.27 -25.20
C GLN B 76 10.06 8.14 -24.67
N LEU B 77 9.82 8.88 -23.60
CA LEU B 77 10.77 9.72 -23.03
C LEU B 77 10.86 9.43 -21.58
N PRO B 78 10.91 8.17 -21.19
CA PRO B 78 10.92 7.88 -19.71
C PRO B 78 11.93 8.65 -18.90
N GLU B 79 13.11 8.84 -19.47
CA GLU B 79 14.18 9.61 -18.82
C GLU B 79 13.87 11.09 -18.53
N ASP B 80 12.86 11.63 -19.21
CA ASP B 80 12.36 13.01 -19.03
C ASP B 80 11.13 13.16 -18.11
N VAL B 81 10.60 12.07 -17.58
CA VAL B 81 9.25 12.13 -17.04
C VAL B 81 9.20 12.88 -15.73
N GLY B 82 10.34 13.09 -15.13
CA GLY B 82 10.37 13.85 -13.89
C GLY B 82 9.84 15.26 -14.13
N HIS B 83 10.04 15.78 -15.36
CA HIS B 83 9.59 17.13 -15.72
C HIS B 83 8.05 17.21 -15.67
N CYS B 84 7.36 16.09 -15.97
CA CYS B 84 5.91 16.05 -15.89
C CYS B 84 5.45 16.41 -14.52
N PHE B 85 6.14 15.89 -13.52
CA PHE B 85 5.80 16.21 -12.15
C PHE B 85 6.13 17.65 -11.78
N VAL B 86 7.21 18.16 -12.34
CA VAL B 86 7.60 19.53 -12.08
C VAL B 86 6.57 20.48 -12.66
N THR B 87 6.20 20.29 -13.89
CA THR B 87 5.15 21.09 -14.53
C THR B 87 3.86 21.16 -13.73
N TRP B 88 3.42 20.01 -13.21
CA TRP B 88 2.12 19.91 -12.53
C TRP B 88 2.24 19.92 -10.99
N ALA B 89 3.36 20.37 -10.47
CA ALA B 89 3.57 20.32 -9.03
C ALA B 89 2.46 20.92 -8.22
N ASP B 90 1.94 22.05 -8.67
CA ASP B 90 0.91 22.74 -7.92
C ASP B 90 -0.37 21.95 -7.77
N LYS B 91 -0.77 21.22 -8.81
CA LYS B 91 -1.97 20.38 -8.74
C LYS B 91 -1.84 19.36 -7.60
N PHE B 92 -0.65 18.83 -7.39
CA PHE B 92 -0.47 17.80 -6.34
C PHE B 92 -0.69 18.30 -4.94
N GLN B 93 -0.71 19.62 -4.79
CA GLN B 93 -1.01 20.19 -3.51
C GLN B 93 -2.40 19.77 -3.00
N MET B 94 -3.29 19.36 -3.89
CA MET B 94 -4.59 18.86 -3.42
C MET B 94 -4.57 17.59 -2.59
N TYR B 95 -3.49 16.83 -2.68
CA TYR B 95 -3.34 15.63 -1.86
C TYR B 95 -3.08 16.00 -0.43
N VAL B 96 -2.57 17.21 -0.19
CA VAL B 96 -2.36 17.72 1.18
C VAL B 96 -3.73 17.91 1.82
N THR B 97 -4.60 18.59 1.11
CA THR B 97 -5.99 18.75 1.57
C THR B 97 -6.64 17.39 1.81
N TYR B 98 -6.44 16.45 0.88
CA TYR B 98 -7.11 15.13 0.93
C TYR B 98 -6.66 14.34 2.17
N CYS B 99 -5.35 14.32 2.40
CA CYS B 99 -4.79 13.57 3.54
C CYS B 99 -5.23 14.13 4.88
N LYS B 100 -5.17 15.45 5.02
CA LYS B 100 -5.70 16.18 6.19
C LYS B 100 -7.07 15.71 6.54
N ASN B 101 -7.92 15.54 5.54
CA ASN B 101 -9.31 15.24 5.78
C ASN B 101 -9.60 13.79 6.13
N LYS B 102 -8.68 12.88 5.76
CA LYS B 102 -8.98 11.42 5.69
C LYS B 102 -9.36 10.80 7.05
N PRO B 103 -8.69 11.21 8.13
CA PRO B 103 -9.15 10.69 9.43
C PRO B 103 -10.61 11.09 9.76
N ASP B 104 -10.93 12.38 9.60
CA ASP B 104 -12.35 12.80 9.71
C ASP B 104 -13.26 11.95 8.80
N SER B 105 -12.81 11.62 7.59
CA SER B 105 -13.63 10.79 6.69
C SER B 105 -13.88 9.47 7.26
N ASN B 106 -12.84 8.85 7.79
CA ASN B 106 -12.97 7.47 8.22
C ASN B 106 -13.89 7.34 9.47
N GLN B 107 -13.78 8.28 10.40
CA GLN B 107 -14.61 8.22 11.61
C GLN B 107 -16.08 8.42 11.32
N LEU B 108 -16.37 9.48 10.56
CA LEU B 108 -17.70 9.68 9.98
C LEU B 108 -18.31 8.44 9.36
N ILE B 109 -17.59 7.74 8.52
CA ILE B 109 -18.13 6.45 7.93
C ILE B 109 -18.33 5.42 9.03
N LEU B 110 -17.38 5.35 9.95
CA LEU B 110 -17.49 4.43 11.08
C LEU B 110 -18.67 4.69 11.98
N GLU B 111 -18.67 5.85 12.62
CA GLU B 111 -19.69 6.23 13.60
C GLU B 111 -21.09 6.44 13.06
N HIS B 112 -21.24 6.71 11.77
CA HIS B 112 -22.52 7.23 11.26
C HIS B 112 -23.12 6.67 9.99
N ALA B 113 -22.39 5.85 9.25
CA ALA B 113 -22.91 5.38 7.97
C ALA B 113 -23.49 4.02 8.06
N GLY B 114 -23.29 3.36 9.20
CA GLY B 114 -23.70 1.97 9.39
C GLY B 114 -23.35 1.17 8.17
N THR B 115 -24.30 0.54 7.53
CA THR B 115 -23.97 -0.31 6.39
C THR B 115 -24.39 0.32 5.08
N PHE B 116 -24.51 1.66 5.05
CA PHE B 116 -25.00 2.33 3.81
C PHE B 116 -24.11 1.94 2.63
N PHE B 117 -22.81 2.19 2.80
CA PHE B 117 -21.82 1.93 1.74
C PHE B 117 -21.58 0.45 1.46
N ASP B 118 -21.68 -0.41 2.47
CA ASP B 118 -21.61 -1.86 2.20
C ASP B 118 -22.72 -2.41 1.32
N GLU B 119 -23.97 -1.93 1.55
CA GLU B 119 -25.10 -2.29 0.69
C GLU B 119 -24.84 -1.75 -0.70
N ILE B 120 -24.34 -0.52 -0.83
CA ILE B 120 -23.97 -0.07 -2.19
C ILE B 120 -22.92 -1.00 -2.81
N GLN B 121 -21.93 -1.40 -2.03
CA GLN B 121 -20.90 -2.28 -2.58
C GLN B 121 -21.45 -3.59 -3.12
N GLN B 122 -22.29 -4.24 -2.27
CA GLN B 122 -22.94 -5.50 -2.62
C GLN B 122 -23.79 -5.35 -3.88
N ARG B 123 -24.63 -4.32 -3.89
CA ARG B 123 -25.54 -4.09 -4.98
C ARG B 123 -24.78 -3.85 -6.30
N HIS B 124 -23.70 -3.04 -6.25
CA HIS B 124 -22.87 -2.85 -7.46
C HIS B 124 -21.89 -4.01 -7.73
N GLY B 125 -21.61 -4.88 -6.76
CA GLY B 125 -20.75 -6.07 -7.01
C GLY B 125 -19.27 -5.73 -7.04
N LEU B 126 -18.90 -4.74 -6.24
CA LEU B 126 -17.54 -4.25 -6.19
C LEU B 126 -16.66 -5.06 -5.21
N ALA B 127 -15.51 -5.51 -5.72
CA ALA B 127 -14.43 -6.06 -4.90
C ALA B 127 -13.92 -5.06 -3.84
N ASN B 128 -13.92 -3.77 -4.16
CA ASN B 128 -13.39 -2.77 -3.23
C ASN B 128 -14.47 -2.03 -2.51
N SER B 129 -14.24 -1.80 -1.23
CA SER B 129 -15.11 -1.12 -0.36
C SER B 129 -14.88 0.34 -0.49
N ILE B 130 -15.79 1.11 0.07
CA ILE B 130 -15.56 2.55 0.03
C ILE B 130 -14.23 2.86 0.69
N SER B 131 -13.91 2.18 1.77
CA SER B 131 -12.61 2.46 2.44
C SER B 131 -11.34 2.13 1.59
N SER B 132 -11.42 1.05 0.84
CA SER B 132 -10.37 0.63 -0.08
C SER B 132 -10.21 1.72 -1.16
N TYR B 133 -11.33 2.24 -1.67
CA TYR B 133 -11.20 3.32 -2.67
C TYR B 133 -10.68 4.57 -2.04
N LEU B 134 -11.09 4.90 -0.82
CA LEU B 134 -10.67 6.18 -0.28
C LEU B 134 -9.24 6.24 0.24
N ILE B 135 -8.58 5.09 0.42
CA ILE B 135 -7.16 5.11 0.72
C ILE B 135 -6.30 5.31 -0.54
N LYS B 136 -6.84 5.00 -1.72
CA LYS B 136 -6.06 5.07 -2.95
C LYS B 136 -5.30 6.38 -3.21
N PRO B 137 -5.92 7.54 -2.90
CA PRO B 137 -5.11 8.71 -3.17
C PRO B 137 -3.90 8.82 -2.28
N VAL B 138 -4.03 8.30 -1.08
CA VAL B 138 -2.93 8.27 -0.16
C VAL B 138 -1.87 7.32 -0.70
N GLN B 139 -2.28 6.20 -1.27
CA GLN B 139 -1.34 5.23 -1.81
C GLN B 139 -0.62 5.83 -3.04
N ARG B 140 -1.41 6.41 -3.93
CA ARG B 140 -0.89 6.81 -5.23
C ARG B 140 0.14 7.90 -5.05
N VAL B 141 -0.07 8.80 -4.10
CA VAL B 141 0.79 9.99 -3.96
C VAL B 141 2.15 9.67 -3.33
N THR B 142 2.19 8.49 -2.69
CA THR B 142 3.43 7.98 -2.10
C THR B 142 4.15 6.99 -3.00
N LYS B 143 3.54 6.66 -4.12
CA LYS B 143 4.08 5.70 -5.05
C LYS B 143 4.84 6.34 -6.21
N TYR B 144 4.41 7.52 -6.65
CA TYR B 144 5.19 8.20 -7.71
C TYR B 144 6.70 8.30 -7.40
N GLN B 145 7.05 8.72 -6.18
CA GLN B 145 8.47 8.76 -5.78
C GLN B 145 9.17 7.37 -5.94
N LEU B 146 8.50 6.27 -5.63
CA LEU B 146 9.12 4.91 -5.87
C LEU B 146 9.45 4.66 -7.34
N LEU B 147 8.49 4.98 -8.21
CA LEU B 147 8.70 4.80 -9.65
C LEU B 147 9.85 5.68 -10.16
N LEU B 148 9.96 6.90 -9.67
CA LEU B 148 11.01 7.81 -10.13
C LEU B 148 12.38 7.31 -9.67
N LYS B 149 12.48 6.96 -8.38
CA LYS B 149 13.68 6.25 -7.87
C LYS B 149 14.10 5.07 -8.71
N GLU B 150 13.16 4.21 -9.07
CA GLU B 150 13.52 3.16 -10.01
C GLU B 150 14.04 3.68 -11.35
N LEU B 151 13.44 4.73 -11.89
CA LEU B 151 14.01 5.33 -13.12
C LEU B 151 15.44 5.85 -12.91
N LEU B 152 15.73 6.42 -11.75
CA LEU B 152 17.09 6.85 -11.46
C LEU B 152 18.14 5.74 -11.48
N THR B 153 17.76 4.54 -11.13
CA THR B 153 18.72 3.45 -11.13
C THR B 153 19.04 2.94 -12.52
N CYS B 154 18.33 3.37 -13.55
CA CYS B 154 18.60 2.87 -14.89
C CYS B 154 18.56 3.95 -16.02
N CYS B 155 18.76 5.21 -15.66
CA CYS B 155 18.87 6.34 -16.63
C CYS B 155 20.19 7.13 -16.34
N GLU B 156 20.86 7.66 -17.39
CA GLU B 156 22.18 8.36 -17.27
C GLU B 156 22.16 9.71 -16.51
N GLU B 157 23.31 10.41 -16.49
CA GLU B 157 23.39 11.77 -15.91
C GLU B 157 22.60 12.87 -16.69
N GLY B 158 22.14 12.60 -17.92
CA GLY B 158 21.03 13.34 -18.55
C GLY B 158 19.72 12.85 -17.91
N LYS B 159 19.65 13.00 -16.58
CA LYS B 159 18.57 12.50 -15.71
C LYS B 159 18.55 13.30 -14.37
N GLY B 160 18.65 14.63 -14.47
CA GLY B 160 18.11 15.59 -13.48
C GLY B 160 16.70 16.05 -13.88
N GLU B 161 16.28 15.61 -15.09
CA GLU B 161 14.86 15.42 -15.46
C GLU B 161 14.22 14.20 -14.80
N LEU B 162 14.80 13.74 -13.70
CA LEU B 162 14.21 12.80 -12.79
C LEU B 162 14.38 13.34 -11.41
N LYS B 163 15.60 13.77 -11.03
CA LYS B 163 15.88 14.39 -9.70
C LYS B 163 14.90 15.48 -9.23
N ASP B 164 14.64 16.45 -10.09
CA ASP B 164 13.73 17.53 -9.74
C ASP B 164 12.27 17.00 -9.58
N GLY B 165 11.92 16.03 -10.43
CA GLY B 165 10.61 15.38 -10.36
C GLY B 165 10.43 14.65 -9.04
N LEU B 166 11.43 13.88 -8.71
CA LEU B 166 11.46 13.14 -7.51
C LEU B 166 11.41 14.04 -6.30
N GLU B 167 12.22 15.09 -6.33
CA GLU B 167 12.17 16.18 -5.32
C GLU B 167 10.76 16.62 -5.01
N VAL B 168 10.04 17.02 -6.07
CA VAL B 168 8.62 17.44 -5.95
C VAL B 168 7.78 16.32 -5.33
N MET B 169 7.99 15.09 -5.84
CA MET B 169 7.21 13.91 -5.41
C MET B 169 7.62 13.32 -4.07
N LEU B 170 8.69 13.87 -3.48
CA LEU B 170 9.03 13.64 -2.10
C LEU B 170 8.50 14.74 -1.22
N SER B 171 8.46 15.95 -1.77
CA SER B 171 8.01 17.15 -1.03
C SER B 171 6.49 17.15 -0.72
N VAL B 172 5.66 16.84 -1.74
CA VAL B 172 4.20 16.66 -1.65
C VAL B 172 3.74 15.73 -0.52
N PRO B 173 4.10 14.41 -0.57
CA PRO B 173 3.73 13.53 0.56
C PRO B 173 4.27 13.94 1.90
N LYS B 174 5.47 14.53 1.96
CA LYS B 174 6.01 15.03 3.26
C LYS B 174 5.17 16.17 3.77
N LYS B 175 4.77 17.06 2.87
CA LYS B 175 3.94 18.20 3.24
C LYS B 175 2.56 17.76 3.67
N ALA B 176 2.03 16.73 3.00
CA ALA B 176 0.78 16.09 3.37
C ALA B 176 0.92 15.46 4.74
N ASN B 177 2.04 14.75 4.97
CA ASN B 177 2.30 14.06 6.21
C ASN B 177 2.35 15.08 7.34
N ASP B 178 3.07 16.18 7.12
CA ASP B 178 3.30 17.22 8.13
C ASP B 178 2.06 18.03 8.37
N ALA B 179 1.11 18.04 7.43
CA ALA B 179 -0.18 18.68 7.63
C ALA B 179 -1.12 17.92 8.54
N MET B 180 -0.86 16.63 8.83
CA MET B 180 -1.75 15.83 9.70
C MET B 180 -1.61 16.28 11.14
N HIS B 181 -2.67 16.04 11.96
CA HIS B 181 -2.78 16.59 13.32
C HIS B 181 -1.67 16.12 14.27
C1 EDO C . 19.53 -24.24 7.63
O1 EDO C . 19.97 -22.88 7.78
C2 EDO C . 20.77 -25.08 7.58
O2 EDO C . 21.79 -24.26 6.98
N1 N74 D . 15.59 -13.48 -3.32
N3 N74 D . 17.82 -12.57 -5.88
C4 N74 D . 14.45 -12.80 -2.94
C5 N74 D . 16.45 -12.94 -4.20
C6 N74 D . 16.74 -11.52 -4.37
C7 N74 D . 18.37 -12.58 -7.20
C8 N74 D . 17.39 -11.89 -8.20
C10 N74 D . 16.25 -12.05 -10.37
C13 N74 D . 16.70 -10.66 -7.97
N N74 D . 13.63 -13.54 -2.00
C N74 D . 9.95 -10.45 -0.86
O N74 D . 14.12 -11.62 -3.40
C1 N74 D . 10.89 -11.52 -0.96
C11 N74 D . 15.58 -10.86 -10.12
C12 N74 D . 15.78 -10.18 -8.90
C14 N74 D . 17.22 -13.62 -5.19
C2 N74 D . 11.96 -11.67 -1.77
C3 N74 D . 12.49 -12.99 -1.50
C9 N74 D . 17.15 -12.56 -9.41
N2 N74 D . 17.57 -11.35 -5.37
N4 N74 D . 11.72 -13.58 -0.57
O1 N74 D . 10.68 -12.64 -0.20
#